data_6WPR
#
_entry.id   6WPR
#
_cell.length_a   87.430
_cell.length_b   87.430
_cell.length_c   151.650
_cell.angle_alpha   90.000
_cell.angle_beta   90.000
_cell.angle_gamma   90.000
#
_symmetry.space_group_name_H-M   'P 43 21 2'
#
loop_
_entity.id
_entity.type
_entity.pdbx_description
1 polymer '3-oxoacyl-[acyl-carrier-protein] reductase'
2 non-polymer 'NADPH DIHYDRO-NICOTINAMIDE-ADENINE-DINUCLEOTIDE PHOSPHATE'
3 water water
#
_entity_poly.entity_id   1
_entity_poly.type   'polypeptide(L)'
_entity_poly.pdbx_seq_one_letter_code
;MTQERKVALVTGASRGIGAAIAQQLIQDGYFVVGTATSESGAQKLTDSFGEQGAGLALDVRNLDEIEAVVSHIEQNYGPV
LVLVNNAGITKDNLLLRMSEDDWDDILNIHLKAVYRLSKRVLKGMTKARFGRIINISSVVAHFANPGQANYSAAKAGIEA
FSRSLAKEMGSRQITVNSVAPGFIATEMTDALSEDIRKKMSDQVALNRLGEPQDIANAVSFLASDKAGYITGTVLHVNGG
LYMA
;
_entity_poly.pdbx_strand_id   A,B
#
loop_
_chem_comp.id
_chem_comp.type
_chem_comp.name
_chem_comp.formula
NDP non-polymer 'NADPH DIHYDRO-NICOTINAMIDE-ADENINE-DINUCLEOTIDE PHOSPHATE' 'C21 H30 N7 O17 P3'
#
# COMPACT_ATOMS: atom_id res chain seq x y z
N MET A 1 -7.07 -2.94 -37.48
CA MET A 1 -6.83 -3.48 -36.12
C MET A 1 -7.79 -2.85 -35.12
N THR A 2 -7.87 -3.48 -33.97
CA THR A 2 -8.74 -3.10 -32.84
C THR A 2 -7.87 -2.91 -31.61
N GLN A 3 -8.32 -2.16 -30.63
CA GLN A 3 -7.59 -2.00 -29.36
C GLN A 3 -8.66 -2.04 -28.28
N GLU A 4 -8.87 -3.16 -27.62
CA GLU A 4 -9.97 -3.32 -26.67
C GLU A 4 -9.53 -3.28 -25.23
N ARG A 5 -8.22 -3.29 -24.94
CA ARG A 5 -7.74 -3.27 -23.57
C ARG A 5 -7.83 -1.86 -22.99
N LYS A 6 -7.94 -1.77 -21.66
CA LYS A 6 -7.81 -0.48 -21.02
C LYS A 6 -6.40 0.03 -21.25
N VAL A 7 -6.28 1.34 -21.44
CA VAL A 7 -5.00 1.98 -21.77
C VAL A 7 -4.38 2.58 -20.52
N ALA A 8 -3.12 2.25 -20.29
CA ALA A 8 -2.28 2.86 -19.25
C ALA A 8 -1.20 3.69 -19.91
N LEU A 9 -0.92 4.86 -19.34
CA LEU A 9 0.18 5.72 -19.80
C LEU A 9 1.21 5.80 -18.68
N VAL A 10 2.45 5.42 -19.01
CA VAL A 10 3.56 5.45 -18.07
C VAL A 10 4.62 6.39 -18.64
N THR A 11 4.82 7.54 -17.99
CA THR A 11 5.85 8.46 -18.44
C THR A 11 7.21 7.98 -17.96
N GLY A 12 8.22 8.20 -18.79
CA GLY A 12 9.59 7.82 -18.47
C GLY A 12 9.79 6.35 -18.24
N ALA A 13 9.43 5.55 -19.25
CA ALA A 13 9.40 4.10 -19.14
C ALA A 13 10.64 3.43 -19.70
N SER A 14 11.71 4.18 -19.98
CA SER A 14 12.84 3.62 -20.71
C SER A 14 13.58 2.56 -19.89
N ARG A 15 13.70 2.76 -18.59
CA ARG A 15 14.58 1.90 -17.82
C ARG A 15 14.09 1.84 -16.38
N GLY A 16 14.70 0.94 -15.61
CA GLY A 16 14.55 0.96 -14.18
C GLY A 16 13.10 0.85 -13.76
N ILE A 17 12.70 1.75 -12.84
CA ILE A 17 11.36 1.69 -12.23
C ILE A 17 10.29 1.83 -13.30
N GLY A 18 10.44 2.81 -14.19
CA GLY A 18 9.42 3.02 -15.21
C GLY A 18 9.25 1.85 -16.16
N ALA A 19 10.37 1.24 -16.57
CA ALA A 19 10.31 0.07 -17.44
C ALA A 19 9.62 -1.09 -16.72
N ALA A 20 9.95 -1.29 -15.45
CA ALA A 20 9.32 -2.38 -14.70
C ALA A 20 7.83 -2.16 -14.54
N ILE A 21 7.43 -0.92 -14.23
CA ILE A 21 6.01 -0.59 -14.14
C ILE A 21 5.30 -0.88 -15.46
N ALA A 22 5.87 -0.42 -16.58
CA ALA A 22 5.21 -0.60 -17.87
C ALA A 22 5.04 -2.08 -18.21
N GLN A 23 6.10 -2.88 -18.02
CA GLN A 23 6.01 -4.30 -18.32
C GLN A 23 5.01 -4.99 -17.40
N GLN A 24 4.97 -4.60 -16.12
CA GLN A 24 4.01 -5.23 -15.22
C GLN A 24 2.57 -4.91 -15.63
N LEU A 25 2.31 -3.66 -16.02
CA LEU A 25 0.97 -3.30 -16.43
C LEU A 25 0.59 -4.02 -17.71
N ILE A 26 1.56 -4.27 -18.59
CA ILE A 26 1.28 -5.15 -19.74
C ILE A 26 0.89 -6.53 -19.25
N GLN A 27 1.67 -7.10 -18.34
CA GLN A 27 1.37 -8.44 -17.83
C GLN A 27 -0.01 -8.49 -17.19
N ASP A 28 -0.43 -7.39 -16.56
CA ASP A 28 -1.73 -7.29 -15.92
C ASP A 28 -2.89 -7.23 -16.91
N GLY A 29 -2.59 -6.97 -18.19
CA GLY A 29 -3.61 -6.96 -19.22
C GLY A 29 -3.90 -5.61 -19.82
N TYR A 30 -3.14 -4.58 -19.45
CA TYR A 30 -3.32 -3.27 -20.06
C TYR A 30 -2.60 -3.19 -21.41
N PHE A 31 -3.11 -2.30 -22.27
CA PHE A 31 -2.36 -1.76 -23.39
C PHE A 31 -1.59 -0.55 -22.86
N VAL A 32 -0.26 -0.60 -22.94
CA VAL A 32 0.59 0.38 -22.25
C VAL A 32 1.28 1.29 -23.25
N VAL A 33 1.05 2.58 -23.13
CA VAL A 33 1.84 3.60 -23.80
C VAL A 33 2.90 4.07 -22.82
N GLY A 34 4.15 3.92 -23.20
CA GLY A 34 5.26 4.45 -22.41
C GLY A 34 5.94 5.59 -23.14
N THR A 35 6.55 6.51 -22.37
CA THR A 35 7.20 7.64 -23.02
C THR A 35 8.68 7.70 -22.72
N ALA A 36 9.42 8.31 -23.65
CA ALA A 36 10.83 8.63 -23.50
C ALA A 36 11.05 10.04 -24.05
N THR A 37 12.22 10.62 -23.76
CA THR A 37 12.46 12.00 -24.20
C THR A 37 12.94 12.11 -25.65
N SER A 38 13.25 11.00 -26.32
CA SER A 38 13.73 11.02 -27.69
C SER A 38 12.93 10.03 -28.53
N GLU A 39 12.89 10.28 -29.84
CA GLU A 39 12.23 9.37 -30.75
C GLU A 39 12.92 8.00 -30.76
N SER A 40 14.24 7.99 -30.65
CA SER A 40 14.96 6.71 -30.56
C SER A 40 14.54 5.94 -29.31
N GLY A 41 14.48 6.61 -28.17
CA GLY A 41 14.02 5.95 -26.96
C GLY A 41 12.58 5.47 -27.07
N ALA A 42 11.72 6.29 -27.70
CA ALA A 42 10.33 5.88 -27.94
C ALA A 42 10.27 4.63 -28.81
N GLN A 43 11.11 4.56 -29.85
CA GLN A 43 11.14 3.36 -30.69
C GLN A 43 11.61 2.14 -29.90
N LYS A 44 12.58 2.33 -29.01
CA LYS A 44 12.99 1.20 -28.18
C LYS A 44 11.82 0.70 -27.33
N LEU A 45 11.02 1.62 -26.79
CA LEU A 45 9.83 1.23 -26.04
C LEU A 45 8.84 0.48 -26.92
N THR A 46 8.58 1.00 -28.12
CA THR A 46 7.69 0.31 -29.05
C THR A 46 8.17 -1.12 -29.29
N ASP A 47 9.47 -1.30 -29.49
CA ASP A 47 10.02 -2.63 -29.73
C ASP A 47 9.82 -3.53 -28.51
N SER A 48 10.03 -3.00 -27.31
CA SER A 48 9.89 -3.82 -26.10
C SER A 48 8.44 -4.22 -25.86
N PHE A 49 7.50 -3.30 -26.10
CA PHE A 49 6.11 -3.57 -25.82
C PHE A 49 5.45 -4.42 -26.90
N GLY A 50 5.98 -4.40 -28.11
CA GLY A 50 5.39 -5.20 -29.16
C GLY A 50 3.98 -4.73 -29.45
N GLU A 51 3.09 -5.67 -29.71
CA GLU A 51 1.74 -5.35 -30.12
C GLU A 51 0.79 -5.13 -28.94
N GLN A 52 1.32 -5.01 -27.72
CA GLN A 52 0.48 -4.66 -26.58
C GLN A 52 0.83 -3.30 -26.00
N GLY A 53 1.56 -2.46 -26.73
CA GLY A 53 1.83 -1.13 -26.25
C GLY A 53 2.42 -0.29 -27.36
N ALA A 54 2.87 0.90 -26.98
CA ALA A 54 3.47 1.83 -27.93
C ALA A 54 4.39 2.78 -27.18
N GLY A 55 5.45 3.20 -27.85
CA GLY A 55 6.37 4.20 -27.31
C GLY A 55 6.14 5.53 -27.99
N LEU A 56 6.13 6.61 -27.20
CA LEU A 56 5.98 7.96 -27.73
C LEU A 56 7.01 8.89 -27.10
N ALA A 57 7.50 9.83 -27.90
CA ALA A 57 8.42 10.84 -27.38
C ALA A 57 7.61 11.91 -26.66
N LEU A 58 8.11 12.31 -25.49
CA LEU A 58 7.45 13.32 -24.68
C LEU A 58 8.46 14.01 -23.77
N ASP A 59 8.48 15.34 -23.82
CA ASP A 59 9.13 16.16 -22.81
C ASP A 59 8.02 16.74 -21.94
N VAL A 60 7.92 16.24 -20.69
CA VAL A 60 6.76 16.59 -19.85
C VAL A 60 6.83 18.04 -19.38
N ARG A 61 7.91 18.73 -19.73
CA ARG A 61 7.97 20.15 -19.42
C ARG A 61 7.08 20.99 -20.34
N ASN A 62 6.61 20.43 -21.45
CA ASN A 62 5.93 21.19 -22.49
C ASN A 62 4.46 20.79 -22.58
N LEU A 63 3.57 21.75 -22.30
CA LEU A 63 2.14 21.49 -22.31
C LEU A 63 1.66 21.03 -23.68
N ASP A 64 2.20 21.61 -24.75
CA ASP A 64 1.74 21.23 -26.09
C ASP A 64 2.04 19.77 -26.37
N GLU A 65 3.20 19.29 -25.91
CA GLU A 65 3.54 17.88 -26.09
C GLU A 65 2.65 16.98 -25.25
N ILE A 66 2.36 17.38 -24.00
CA ILE A 66 1.46 16.61 -23.16
C ILE A 66 0.11 16.46 -23.84
N GLU A 67 -0.44 17.57 -24.34
CA GLU A 67 -1.76 17.53 -24.95
C GLU A 67 -1.73 16.72 -26.24
N ALA A 68 -0.67 16.87 -27.03
CA ALA A 68 -0.56 16.10 -28.27
C ALA A 68 -0.44 14.61 -28.01
N VAL A 69 0.34 14.21 -27.00
CA VAL A 69 0.52 12.80 -26.69
C VAL A 69 -0.79 12.19 -26.22
N VAL A 70 -1.50 12.86 -25.31
CA VAL A 70 -2.74 12.26 -24.82
C VAL A 70 -3.77 12.21 -25.94
N SER A 71 -3.81 13.24 -26.80
CA SER A 71 -4.73 13.21 -27.94
C SER A 71 -4.41 12.05 -28.86
N HIS A 72 -3.12 11.82 -29.13
CA HIS A 72 -2.72 10.71 -29.98
C HIS A 72 -3.15 9.39 -29.38
N ILE A 73 -2.98 9.22 -28.07
CA ILE A 73 -3.39 7.98 -27.42
C ILE A 73 -4.89 7.79 -27.56
N GLU A 74 -5.66 8.85 -27.31
CA GLU A 74 -7.12 8.73 -27.39
C GLU A 74 -7.55 8.40 -28.81
N GLN A 75 -6.87 8.95 -29.80
CA GLN A 75 -7.26 8.74 -31.20
C GLN A 75 -6.79 7.42 -31.78
N ASN A 76 -5.78 6.81 -31.16
CA ASN A 76 -5.21 5.58 -31.69
C ASN A 76 -5.42 4.34 -30.84
N TYR A 77 -5.49 4.49 -29.52
CA TYR A 77 -5.52 3.32 -28.63
C TYR A 77 -6.69 3.30 -27.67
N GLY A 78 -7.10 4.45 -27.14
CA GLY A 78 -8.19 4.50 -26.22
C GLY A 78 -7.97 5.52 -25.14
N PRO A 79 -8.97 5.73 -24.28
CA PRO A 79 -8.84 6.72 -23.21
C PRO A 79 -7.80 6.26 -22.18
N VAL A 80 -7.04 7.22 -21.67
CA VAL A 80 -6.06 6.93 -20.64
C VAL A 80 -6.81 6.72 -19.32
N LEU A 81 -6.89 5.47 -18.87
CA LEU A 81 -7.59 5.20 -17.62
C LEU A 81 -6.66 4.86 -16.47
N VAL A 82 -5.39 4.60 -16.74
CA VAL A 82 -4.37 4.50 -15.72
C VAL A 82 -3.22 5.42 -16.13
N LEU A 83 -2.92 6.40 -15.29
CA LEU A 83 -1.83 7.34 -15.54
C LEU A 83 -0.81 7.14 -14.45
N VAL A 84 0.43 6.85 -14.84
CA VAL A 84 1.54 6.70 -13.90
C VAL A 84 2.54 7.79 -14.21
N ASN A 85 2.64 8.77 -13.32
CA ASN A 85 3.58 9.89 -13.48
C ASN A 85 4.90 9.46 -12.87
N ASN A 86 5.81 9.01 -13.72
CA ASN A 86 7.10 8.49 -13.28
C ASN A 86 8.29 9.27 -13.81
N ALA A 87 8.16 9.90 -14.97
CA ALA A 87 9.26 10.67 -15.54
C ALA A 87 9.84 11.66 -14.54
N GLY A 88 11.16 11.77 -14.53
CA GLY A 88 11.78 12.76 -13.67
C GLY A 88 13.29 12.77 -13.83
N ILE A 89 13.89 13.79 -13.22
CA ILE A 89 15.33 13.88 -13.06
C ILE A 89 15.56 14.55 -11.71
N THR A 90 16.82 14.62 -11.29
CA THR A 90 17.21 15.44 -10.14
C THR A 90 18.22 16.47 -10.62
N LYS A 91 18.27 17.62 -9.93
CA LYS A 91 19.31 18.65 -10.11
C LYS A 91 19.66 19.09 -8.69
N ASP A 92 20.46 18.27 -8.01
CA ASP A 92 20.75 18.49 -6.59
C ASP A 92 21.74 19.64 -6.42
N ASN A 93 21.59 20.35 -5.30
CA ASN A 93 22.54 21.38 -4.92
C ASN A 93 22.10 21.90 -3.55
N LEU A 94 23.03 22.17 -2.65
CA LEU A 94 22.68 22.93 -1.46
C LEU A 94 22.07 24.25 -1.92
N LEU A 95 21.15 24.80 -1.11
CA LEU A 95 20.37 25.95 -1.53
C LEU A 95 21.24 27.11 -2.00
N LEU A 96 22.38 27.33 -1.33
CA LEU A 96 23.21 28.48 -1.68
C LEU A 96 23.78 28.32 -3.09
N ARG A 97 23.76 27.11 -3.64
CA ARG A 97 24.21 26.89 -5.01
C ARG A 97 23.09 26.40 -5.93
N MET A 98 21.84 26.48 -5.48
CA MET A 98 20.71 26.01 -6.28
C MET A 98 20.17 27.16 -7.11
N SER A 99 20.35 27.07 -8.43
CA SER A 99 20.01 28.15 -9.34
C SER A 99 18.51 28.20 -9.61
N GLU A 100 18.10 29.31 -10.20
CA GLU A 100 16.73 29.45 -10.64
C GLU A 100 16.34 28.30 -11.56
N ASP A 101 17.22 27.92 -12.49
CA ASP A 101 16.89 26.83 -13.40
CA ASP A 101 16.90 26.83 -13.41
C ASP A 101 16.87 25.49 -12.68
N ASP A 102 17.82 25.26 -11.77
CA ASP A 102 17.79 24.05 -10.97
C ASP A 102 16.43 23.86 -10.32
N TRP A 103 15.89 24.94 -9.75
CA TRP A 103 14.60 24.90 -9.07
C TRP A 103 13.47 24.68 -10.08
N ASP A 104 13.40 25.56 -11.08
CA ASP A 104 12.26 25.60 -11.99
C ASP A 104 12.15 24.30 -12.78
N ASP A 105 13.28 23.77 -13.26
CA ASP A 105 13.24 22.58 -14.11
C ASP A 105 12.69 21.40 -13.35
N ILE A 106 13.11 21.23 -12.10
CA ILE A 106 12.65 20.12 -11.27
C ILE A 106 11.18 20.28 -10.92
N LEU A 107 10.77 21.49 -10.53
CA LEU A 107 9.36 21.70 -10.23
C LEU A 107 8.49 21.45 -11.46
N ASN A 108 8.96 21.86 -12.64
CA ASN A 108 8.18 21.69 -13.86
C ASN A 108 8.09 20.22 -14.25
N ILE A 109 9.23 19.51 -14.23
CA ILE A 109 9.25 18.12 -14.68
C ILE A 109 8.43 17.23 -13.75
N HIS A 110 8.44 17.52 -12.44
CA HIS A 110 7.70 16.68 -11.47
C HIS A 110 6.29 17.21 -11.20
N LEU A 111 6.17 18.35 -10.52
CA LEU A 111 4.89 18.77 -10.01
C LEU A 111 3.99 19.32 -11.13
N LYS A 112 4.51 20.24 -11.94
CA LYS A 112 3.70 20.82 -13.01
C LYS A 112 3.25 19.73 -13.97
N ALA A 113 4.13 18.79 -14.28
CA ALA A 113 3.76 17.69 -15.16
C ALA A 113 2.62 16.88 -14.57
N VAL A 114 2.67 16.60 -13.26
CA VAL A 114 1.57 15.86 -12.63
C VAL A 114 0.27 16.65 -12.77
N TYR A 115 0.32 17.95 -12.50
CA TYR A 115 -0.87 18.78 -12.65
C TYR A 115 -1.42 18.71 -14.07
N ARG A 116 -0.54 18.89 -15.07
CA ARG A 116 -0.98 18.98 -16.45
C ARG A 116 -1.56 17.66 -16.95
N LEU A 117 -0.84 16.55 -16.71
CA LEU A 117 -1.30 15.25 -17.20
C LEU A 117 -2.56 14.80 -16.48
N SER A 118 -2.63 15.00 -15.16
CA SER A 118 -3.84 14.61 -14.45
C SER A 118 -5.05 15.38 -14.98
N LYS A 119 -4.89 16.70 -15.13
CA LYS A 119 -5.98 17.51 -15.66
C LYS A 119 -6.40 16.98 -17.02
N ARG A 120 -5.43 16.63 -17.87
CA ARG A 120 -5.74 16.25 -19.24
C ARG A 120 -6.45 14.92 -19.32
N VAL A 121 -6.22 14.00 -18.36
CA VAL A 121 -6.91 12.70 -18.44
C VAL A 121 -8.22 12.64 -17.66
N LEU A 122 -8.54 13.69 -16.90
CA LEU A 122 -9.76 13.67 -16.09
C LEU A 122 -11.01 13.38 -16.91
N LYS A 123 -11.14 13.96 -18.09
CA LYS A 123 -12.43 13.85 -18.79
C LYS A 123 -12.73 12.40 -19.16
N GLY A 124 -11.73 11.70 -19.70
CA GLY A 124 -11.93 10.30 -20.04
C GLY A 124 -12.20 9.44 -18.83
N MET A 125 -11.45 9.66 -17.74
CA MET A 125 -11.73 8.88 -16.54
C MET A 125 -13.13 9.15 -16.00
N THR A 126 -13.53 10.42 -16.00
CA THR A 126 -14.87 10.77 -15.52
C THR A 126 -15.93 10.08 -16.37
N LYS A 127 -15.73 10.11 -17.68
CA LYS A 127 -16.64 9.49 -18.68
C LYS A 127 -16.75 7.99 -18.38
N ALA A 128 -15.64 7.34 -18.00
CA ALA A 128 -15.64 5.91 -17.72
C ALA A 128 -16.11 5.58 -16.29
N ARG A 129 -16.24 6.58 -15.43
CA ARG A 129 -16.47 6.34 -13.99
C ARG A 129 -15.46 5.31 -13.46
N PHE A 130 -14.23 5.43 -13.96
CA PHE A 130 -13.13 4.59 -13.51
C PHE A 130 -11.85 5.36 -13.79
N GLY A 131 -10.91 5.32 -12.86
CA GLY A 131 -9.62 5.93 -13.11
C GLY A 131 -8.60 5.59 -12.05
N ARG A 132 -7.34 5.53 -12.47
CA ARG A 132 -6.21 5.36 -11.55
C ARG A 132 -5.17 6.39 -11.92
N ILE A 133 -4.87 7.32 -11.02
CA ILE A 133 -3.71 8.19 -11.14
C ILE A 133 -2.74 7.76 -10.06
N ILE A 134 -1.53 7.38 -10.48
CA ILE A 134 -0.52 6.85 -9.57
C ILE A 134 0.75 7.66 -9.80
N ASN A 135 1.13 8.42 -8.81
CA ASN A 135 2.25 9.34 -8.92
C ASN A 135 3.43 8.75 -8.17
N ILE A 136 4.58 8.71 -8.84
CA ILE A 136 5.80 8.22 -8.19
C ILE A 136 6.39 9.39 -7.40
N SER A 137 6.45 9.21 -6.09
CA SER A 137 6.99 10.24 -5.20
C SER A 137 8.38 9.79 -4.76
N SER A 138 8.72 10.05 -3.52
CA SER A 138 10.03 9.63 -3.02
C SER A 138 10.02 9.66 -1.51
N VAL A 139 10.84 8.79 -0.91
CA VAL A 139 11.02 8.84 0.54
C VAL A 139 11.49 10.22 0.99
N VAL A 140 12.19 10.97 0.13
CA VAL A 140 12.73 12.26 0.57
C VAL A 140 11.66 13.35 0.65
N ALA A 141 10.44 13.07 0.18
CA ALA A 141 9.32 13.95 0.48
C ALA A 141 8.91 13.88 1.94
N HIS A 142 9.45 12.92 2.67
CA HIS A 142 9.14 12.69 4.07
C HIS A 142 10.37 12.79 4.95
N PHE A 143 11.45 12.11 4.58
CA PHE A 143 12.70 12.13 5.33
C PHE A 143 13.64 13.05 4.57
N ALA A 144 13.87 14.25 5.13
CA ALA A 144 14.54 15.30 4.39
C ALA A 144 15.98 14.93 4.06
N ASN A 145 16.43 15.35 2.88
CA ASN A 145 17.78 15.10 2.42
C ASN A 145 18.39 16.44 2.03
N PRO A 146 19.50 16.85 2.63
CA PRO A 146 20.15 18.09 2.18
C PRO A 146 20.51 18.01 0.70
N GLY A 147 20.40 19.14 0.02
CA GLY A 147 20.74 19.22 -1.39
C GLY A 147 19.61 18.90 -2.34
N GLN A 148 18.44 18.51 -1.82
CA GLN A 148 17.32 18.14 -2.67
C GLN A 148 16.08 18.94 -2.31
N ALA A 149 16.25 20.22 -1.97
CA ALA A 149 15.09 21.03 -1.60
C ALA A 149 14.08 21.13 -2.74
N ASN A 150 14.56 21.22 -3.98
CA ASN A 150 13.65 21.32 -5.13
C ASN A 150 12.88 20.02 -5.34
N TYR A 151 13.60 18.91 -5.40
CA TYR A 151 12.98 17.60 -5.57
C TYR A 151 12.02 17.26 -4.43
N SER A 152 12.43 17.53 -3.20
CA SER A 152 11.57 17.26 -2.04
C SER A 152 10.31 18.11 -2.11
N ALA A 153 10.46 19.41 -2.41
CA ALA A 153 9.28 20.27 -2.51
C ALA A 153 8.34 19.77 -3.59
N ALA A 154 8.88 19.38 -4.74
CA ALA A 154 8.04 18.91 -5.84
C ALA A 154 7.28 17.65 -5.46
N LYS A 155 7.97 16.65 -4.89
CA LYS A 155 7.29 15.40 -4.57
C LYS A 155 6.27 15.60 -3.45
N ALA A 156 6.60 16.40 -2.44
CA ALA A 156 5.60 16.68 -1.40
C ALA A 156 4.39 17.40 -1.98
N GLY A 157 4.63 18.35 -2.90
CA GLY A 157 3.52 19.02 -3.55
C GLY A 157 2.66 18.06 -4.32
N ILE A 158 3.28 17.09 -5.00
CA ILE A 158 2.56 16.05 -5.72
C ILE A 158 1.67 15.27 -4.75
N GLU A 159 2.18 14.94 -3.59
CA GLU A 159 1.35 14.18 -2.65
C GLU A 159 0.14 15.00 -2.20
N ALA A 160 0.33 16.30 -1.94
CA ALA A 160 -0.79 17.15 -1.52
C ALA A 160 -1.79 17.36 -2.67
N PHE A 161 -1.26 17.58 -3.87
CA PHE A 161 -2.10 17.62 -5.06
C PHE A 161 -2.95 16.37 -5.15
N SER A 162 -2.33 15.21 -4.92
CA SER A 162 -3.04 13.94 -5.03
C SER A 162 -4.17 13.85 -4.02
N ARG A 163 -3.94 14.34 -2.81
CA ARG A 163 -5.02 14.36 -1.83
C ARG A 163 -6.18 15.24 -2.32
N SER A 164 -5.85 16.44 -2.82
CA SER A 164 -6.89 17.34 -3.29
C SER A 164 -7.70 16.70 -4.42
N LEU A 165 -6.99 16.11 -5.39
CA LEU A 165 -7.67 15.54 -6.55
C LEU A 165 -8.45 14.30 -6.16
N ALA A 166 -7.94 13.52 -5.22
CA ALA A 166 -8.69 12.37 -4.73
C ALA A 166 -10.02 12.82 -4.18
N LYS A 167 -10.03 13.92 -3.41
CA LYS A 167 -11.30 14.40 -2.88
C LYS A 167 -12.22 14.88 -4.00
N GLU A 168 -11.64 15.57 -5.00
CA GLU A 168 -12.48 16.11 -6.06
C GLU A 168 -13.11 15.00 -6.90
N MET A 169 -12.37 13.92 -7.13
CA MET A 169 -12.79 12.92 -8.10
C MET A 169 -13.32 11.63 -7.50
N GLY A 170 -13.35 11.51 -6.17
CA GLY A 170 -13.74 10.25 -5.55
C GLY A 170 -15.13 9.78 -5.92
N SER A 171 -16.09 10.72 -6.02
CA SER A 171 -17.45 10.29 -6.32
C SER A 171 -17.52 9.56 -7.66
N ARG A 172 -16.62 9.88 -8.58
CA ARG A 172 -16.56 9.22 -9.88
C ARG A 172 -15.73 7.93 -9.87
N GLN A 173 -15.31 7.45 -8.70
CA GLN A 173 -14.56 6.20 -8.56
C GLN A 173 -13.20 6.26 -9.25
N ILE A 174 -12.61 7.44 -9.27
CA ILE A 174 -11.24 7.63 -9.71
C ILE A 174 -10.40 7.71 -8.45
N THR A 175 -9.38 6.84 -8.33
CA THR A 175 -8.47 6.90 -7.20
C THR A 175 -7.18 7.60 -7.60
N VAL A 176 -6.58 8.32 -6.65
CA VAL A 176 -5.38 9.10 -6.87
C VAL A 176 -4.46 8.80 -5.71
N ASN A 177 -3.31 8.18 -5.99
CA ASN A 177 -2.39 7.73 -4.97
C ASN A 177 -0.96 8.01 -5.39
N SER A 178 -0.06 7.95 -4.42
CA SER A 178 1.37 8.07 -4.67
C SER A 178 2.07 6.82 -4.18
N VAL A 179 3.16 6.47 -4.84
CA VAL A 179 4.06 5.42 -4.40
C VAL A 179 5.40 6.07 -4.11
N ALA A 180 5.91 5.88 -2.89
CA ALA A 180 7.15 6.52 -2.47
C ALA A 180 8.27 5.50 -2.38
N PRO A 181 9.12 5.39 -3.39
CA PRO A 181 10.24 4.44 -3.27
C PRO A 181 11.31 4.93 -2.32
N GLY A 182 12.01 3.96 -1.72
CA GLY A 182 13.21 4.20 -0.95
C GLY A 182 14.45 4.02 -1.80
N PHE A 183 15.41 3.24 -1.31
CA PHE A 183 16.63 2.94 -2.04
C PHE A 183 16.33 1.77 -2.97
N ILE A 184 16.25 2.04 -4.27
CA ILE A 184 15.96 1.02 -5.28
C ILE A 184 17.18 0.88 -6.19
N ALA A 185 17.57 -0.35 -6.48
CA ALA A 185 18.72 -0.58 -7.34
C ALA A 185 18.38 -0.10 -8.75
N THR A 186 19.17 0.85 -9.24
CA THR A 186 19.05 1.35 -10.60
C THR A 186 20.43 1.48 -11.24
N GLU A 187 20.51 2.06 -12.44
CA GLU A 187 21.82 2.38 -13.01
C GLU A 187 22.63 3.26 -12.07
N MET A 188 21.98 4.24 -11.44
CA MET A 188 22.67 5.15 -10.53
C MET A 188 23.33 4.38 -9.38
N THR A 189 22.58 3.52 -8.70
CA THR A 189 23.15 2.78 -7.58
C THR A 189 24.13 1.73 -8.05
N ASP A 190 23.89 1.13 -9.22
CA ASP A 190 24.89 0.27 -9.83
C ASP A 190 26.22 1.00 -9.98
N ALA A 191 26.17 2.31 -10.25
CA ALA A 191 27.38 3.11 -10.46
C ALA A 191 28.06 3.46 -9.14
N LEU A 192 27.35 3.37 -8.02
CA LEU A 192 27.97 3.57 -6.73
C LEU A 192 28.87 2.38 -6.39
N SER A 193 29.65 2.53 -5.32
CA SER A 193 30.53 1.47 -4.89
C SER A 193 29.77 0.44 -4.08
N GLU A 194 30.39 -0.74 -3.93
CA GLU A 194 29.86 -1.76 -3.02
C GLU A 194 29.78 -1.23 -1.60
N ASP A 195 30.83 -0.57 -1.13
CA ASP A 195 30.80 -0.01 0.22
C ASP A 195 29.64 0.97 0.42
N ILE A 196 29.35 1.81 -0.58
CA ILE A 196 28.27 2.78 -0.41
C ILE A 196 26.92 2.09 -0.47
N ARG A 197 26.77 1.08 -1.34
CA ARG A 197 25.52 0.32 -1.33
C ARG A 197 25.32 -0.38 0.01
N LYS A 198 26.40 -0.78 0.66
CA LYS A 198 26.29 -1.39 1.98
C LYS A 198 25.91 -0.36 3.03
N LYS A 199 26.51 0.83 2.95
CA LYS A 199 26.06 1.93 3.80
C LYS A 199 24.56 2.18 3.64
N MET A 200 24.09 2.19 2.40
CA MET A 200 22.66 2.40 2.15
C MET A 200 21.82 1.27 2.74
N SER A 201 22.17 0.02 2.45
CA SER A 201 21.37 -1.11 2.91
C SER A 201 21.38 -1.22 4.43
N ASP A 202 22.45 -0.73 5.07
CA ASP A 202 22.50 -0.72 6.53
C ASP A 202 21.42 0.16 7.13
N GLN A 203 20.94 1.14 6.37
CA GLN A 203 19.87 2.01 6.86
C GLN A 203 18.49 1.40 6.69
N VAL A 204 18.39 0.28 5.98
CA VAL A 204 17.12 -0.32 5.59
C VAL A 204 16.84 -1.48 6.52
N ALA A 205 15.64 -1.51 7.10
CA ALA A 205 15.30 -2.59 8.02
C ALA A 205 15.48 -3.94 7.36
N LEU A 206 15.07 -4.09 6.09
CA LEU A 206 15.20 -5.36 5.38
C LEU A 206 16.62 -5.61 4.90
N ASN A 207 17.54 -4.67 5.12
CA ASN A 207 18.97 -4.91 4.96
C ASN A 207 19.36 -5.16 3.52
N ARG A 208 18.68 -4.51 2.58
CA ARG A 208 19.01 -4.65 1.18
C ARG A 208 18.38 -3.50 0.42
N LEU A 209 18.95 -3.21 -0.74
CA LEU A 209 18.30 -2.29 -1.65
C LEU A 209 17.13 -2.99 -2.33
N GLY A 210 16.08 -2.23 -2.64
CA GLY A 210 14.95 -2.76 -3.37
C GLY A 210 15.27 -2.90 -4.84
N GLU A 211 14.28 -3.40 -5.60
CA GLU A 211 14.41 -3.57 -7.05
C GLU A 211 13.27 -2.85 -7.74
N PRO A 212 13.45 -2.44 -9.00
CA PRO A 212 12.34 -1.80 -9.73
C PRO A 212 11.04 -2.59 -9.67
N GLN A 213 11.14 -3.91 -9.66
CA GLN A 213 9.93 -4.73 -9.63
C GLN A 213 9.12 -4.53 -8.36
N ASP A 214 9.77 -4.18 -7.24
CA ASP A 214 9.02 -3.89 -6.02
C ASP A 214 8.09 -2.69 -6.22
N ILE A 215 8.59 -1.66 -6.92
CA ILE A 215 7.77 -0.50 -7.21
C ILE A 215 6.69 -0.87 -8.21
N ALA A 216 7.04 -1.66 -9.21
CA ALA A 216 6.05 -2.14 -10.17
C ALA A 216 4.94 -2.91 -9.47
N ASN A 217 5.29 -3.73 -8.48
CA ASN A 217 4.28 -4.51 -7.77
C ASN A 217 3.34 -3.59 -7.01
N ALA A 218 3.88 -2.54 -6.40
CA ALA A 218 3.01 -1.58 -5.72
C ALA A 218 2.06 -0.86 -6.69
N VAL A 219 2.59 -0.40 -7.81
CA VAL A 219 1.78 0.30 -8.79
C VAL A 219 0.70 -0.63 -9.33
N SER A 220 1.08 -1.87 -9.63
CA SER A 220 0.14 -2.88 -10.13
C SER A 220 -0.99 -3.11 -9.14
N PHE A 221 -0.65 -3.23 -7.86
CA PHE A 221 -1.69 -3.36 -6.84
C PHE A 221 -2.62 -2.16 -6.88
N LEU A 222 -2.07 -0.95 -6.83
CA LEU A 222 -2.94 0.21 -6.76
C LEU A 222 -3.80 0.35 -8.01
N ALA A 223 -3.28 -0.07 -9.16
CA ALA A 223 -4.04 0.06 -10.40
C ALA A 223 -5.16 -0.98 -10.53
N SER A 224 -5.18 -1.99 -9.67
CA SER A 224 -6.10 -3.11 -9.82
C SER A 224 -7.36 -2.90 -8.98
N ASP A 225 -8.32 -3.82 -9.15
CA ASP A 225 -9.53 -3.82 -8.33
C ASP A 225 -9.24 -4.16 -6.87
N LYS A 226 -8.07 -4.73 -6.58
CA LYS A 226 -7.73 -5.06 -5.21
C LYS A 226 -7.47 -3.81 -4.37
N ALA A 227 -7.45 -2.62 -5.00
CA ALA A 227 -7.17 -1.37 -4.31
C ALA A 227 -8.23 -0.32 -4.60
N GLY A 228 -9.45 -0.76 -4.93
CA GLY A 228 -10.53 0.12 -5.30
C GLY A 228 -11.04 1.00 -4.18
N TYR A 229 -10.69 0.70 -2.93
CA TYR A 229 -11.11 1.53 -1.80
C TYR A 229 -9.91 2.26 -1.18
N ILE A 230 -8.82 2.38 -1.92
CA ILE A 230 -7.62 3.09 -1.49
C ILE A 230 -7.48 4.33 -2.36
N THR A 231 -7.54 5.51 -1.75
CA THR A 231 -7.32 6.74 -2.49
C THR A 231 -6.76 7.81 -1.57
N GLY A 232 -5.96 8.71 -2.14
CA GLY A 232 -5.34 9.79 -1.40
C GLY A 232 -4.23 9.38 -0.47
N THR A 233 -3.63 8.21 -0.69
CA THR A 233 -2.60 7.72 0.20
C THR A 233 -1.21 7.74 -0.44
N VAL A 234 -0.21 7.59 0.42
CA VAL A 234 1.16 7.33 0.00
C VAL A 234 1.47 5.88 0.38
N LEU A 235 1.82 5.05 -0.60
CA LEU A 235 2.26 3.69 -0.38
C LEU A 235 3.79 3.72 -0.36
N HIS A 236 4.35 3.56 0.82
CA HIS A 236 5.80 3.57 1.00
C HIS A 236 6.39 2.21 0.69
N VAL A 237 7.37 2.19 -0.21
CA VAL A 237 8.05 0.95 -0.60
C VAL A 237 9.54 1.18 -0.41
N ASN A 238 10.03 1.03 0.82
CA ASN A 238 11.39 1.42 1.15
C ASN A 238 12.06 0.45 2.12
N GLY A 239 11.48 -0.73 2.35
CA GLY A 239 12.10 -1.73 3.18
C GLY A 239 12.30 -1.31 4.62
N GLY A 240 11.54 -0.33 5.09
CA GLY A 240 11.70 0.12 6.45
C GLY A 240 12.73 1.22 6.63
N LEU A 241 13.27 1.73 5.53
CA LEU A 241 14.12 2.92 5.60
C LEU A 241 13.39 4.06 6.28
N TYR A 242 12.10 4.22 5.99
CA TYR A 242 11.27 5.24 6.60
C TYR A 242 9.91 4.63 6.91
N MET A 243 9.48 4.76 8.15
CA MET A 243 8.24 4.13 8.59
C MET A 243 7.24 5.17 9.07
N ALA A 244 6.05 5.17 8.49
CA ALA A 244 5.00 6.06 8.96
C ALA A 244 3.63 5.36 9.00
N ARG B 5 1.69 -26.44 2.56
CA ARG B 5 1.44 -25.01 2.50
C ARG B 5 2.01 -24.27 3.72
N LYS B 6 2.38 -23.00 3.54
CA LYS B 6 2.70 -22.15 4.67
C LYS B 6 1.46 -21.92 5.51
N VAL B 7 1.63 -21.82 6.82
CA VAL B 7 0.52 -21.66 7.75
C VAL B 7 0.34 -20.18 8.08
N ALA B 8 -0.88 -19.70 7.93
CA ALA B 8 -1.30 -18.37 8.38
C ALA B 8 -2.25 -18.53 9.54
N LEU B 9 -2.11 -17.68 10.55
CA LEU B 9 -3.01 -17.65 11.70
C LEU B 9 -3.77 -16.33 11.68
N VAL B 10 -5.09 -16.42 11.66
CA VAL B 10 -5.96 -15.25 11.63
C VAL B 10 -6.88 -15.31 12.85
N THR B 11 -6.69 -14.35 13.77
CA THR B 11 -7.53 -14.30 14.96
C THR B 11 -8.87 -13.61 14.63
N GLY B 12 -9.93 -14.08 15.29
CA GLY B 12 -11.24 -13.50 15.07
C GLY B 12 -11.72 -13.61 13.65
N ALA B 13 -11.75 -14.83 13.11
CA ALA B 13 -12.07 -15.06 11.72
C ALA B 13 -13.53 -15.47 11.49
N SER B 14 -14.36 -15.35 12.50
CA SER B 14 -15.78 -15.78 12.47
C SER B 14 -16.60 -15.05 11.41
N ARG B 15 -16.38 -13.76 11.21
CA ARG B 15 -17.29 -12.96 10.41
C ARG B 15 -16.54 -11.79 9.81
N GLY B 16 -17.23 -11.07 8.93
CA GLY B 16 -16.75 -9.77 8.48
C GLY B 16 -15.32 -9.79 7.97
N ILE B 17 -14.53 -8.83 8.49
CA ILE B 17 -13.17 -8.61 8.00
C ILE B 17 -12.33 -9.86 8.20
N GLY B 18 -12.39 -10.45 9.39
CA GLY B 18 -11.57 -11.63 9.66
C GLY B 18 -11.91 -12.80 8.75
N ALA B 19 -13.20 -13.05 8.54
CA ALA B 19 -13.61 -14.13 7.66
C ALA B 19 -13.15 -13.89 6.24
N ALA B 20 -13.29 -12.64 5.77
CA ALA B 20 -12.83 -12.33 4.41
C ALA B 20 -11.33 -12.52 4.28
N ILE B 21 -10.57 -12.09 5.29
CA ILE B 21 -9.12 -12.28 5.28
C ILE B 21 -8.77 -13.77 5.22
N ALA B 22 -9.40 -14.57 6.08
CA ALA B 22 -9.09 -15.99 6.12
C ALA B 22 -9.37 -16.66 4.78
N GLN B 23 -10.54 -16.38 4.19
CA GLN B 23 -10.88 -16.98 2.90
C GLN B 23 -9.94 -16.52 1.80
N GLN B 24 -9.56 -15.25 1.80
CA GLN B 24 -8.65 -14.77 0.78
C GLN B 24 -7.29 -15.44 0.91
N LEU B 25 -6.79 -15.59 2.14
CA LEU B 25 -5.49 -16.22 2.31
C LEU B 25 -5.55 -17.69 1.91
N ILE B 26 -6.69 -18.34 2.11
CA ILE B 26 -6.86 -19.69 1.58
C ILE B 26 -6.72 -19.67 0.06
N GLN B 27 -7.43 -18.74 -0.60
CA GLN B 27 -7.34 -18.63 -2.05
C GLN B 27 -5.91 -18.38 -2.49
N ASP B 28 -5.16 -17.61 -1.70
CA ASP B 28 -3.78 -17.28 -2.05
C ASP B 28 -2.84 -18.47 -1.94
N GLY B 29 -3.25 -19.54 -1.27
CA GLY B 29 -2.42 -20.72 -1.15
C GLY B 29 -1.92 -21.01 0.24
N TYR B 30 -2.34 -20.25 1.24
CA TYR B 30 -1.96 -20.54 2.62
C TYR B 30 -2.89 -21.58 3.21
N PHE B 31 -2.37 -22.34 4.16
CA PHE B 31 -3.21 -23.12 5.08
C PHE B 31 -3.57 -22.21 6.25
N VAL B 32 -4.86 -21.94 6.44
CA VAL B 32 -5.31 -20.89 7.34
C VAL B 32 -5.91 -21.53 8.60
N VAL B 33 -5.32 -21.23 9.74
CA VAL B 33 -5.92 -21.49 11.04
C VAL B 33 -6.60 -20.19 11.45
N GLY B 34 -7.92 -20.24 11.61
CA GLY B 34 -8.69 -19.10 12.08
C GLY B 34 -9.18 -19.41 13.48
N THR B 35 -9.36 -18.36 14.28
CA THR B 35 -9.77 -18.56 15.67
C THR B 35 -11.10 -17.88 15.96
N ALA B 36 -11.79 -18.38 16.98
CA ALA B 36 -13.07 -17.86 17.47
C ALA B 36 -13.05 -17.95 19.01
N THR B 37 -13.96 -17.29 19.70
CA THR B 37 -13.95 -17.32 21.18
C THR B 37 -14.65 -18.55 21.73
N SER B 38 -15.29 -19.36 20.90
CA SER B 38 -15.98 -20.56 21.39
C SER B 38 -15.66 -21.76 20.52
N GLU B 39 -15.81 -22.96 21.09
CA GLU B 39 -15.59 -24.20 20.36
C GLU B 39 -16.58 -24.32 19.20
N SER B 40 -17.80 -23.83 19.39
CA SER B 40 -18.79 -23.84 18.31
C SER B 40 -18.35 -22.96 17.15
N GLY B 41 -17.89 -21.74 17.44
CA GLY B 41 -17.37 -20.89 16.39
C GLY B 41 -16.16 -21.49 15.70
N ALA B 42 -15.27 -22.09 16.48
CA ALA B 42 -14.12 -22.78 15.89
C ALA B 42 -14.58 -23.90 14.96
N GLN B 43 -15.62 -24.63 15.34
CA GLN B 43 -16.11 -25.70 14.48
C GLN B 43 -16.69 -25.13 13.18
N LYS B 44 -17.41 -24.01 13.28
CA LYS B 44 -17.91 -23.38 12.06
C LYS B 44 -16.77 -22.97 11.15
N LEU B 45 -15.68 -22.46 11.74
CA LEU B 45 -14.50 -22.11 10.95
C LEU B 45 -13.91 -23.35 10.28
N THR B 46 -13.78 -24.44 11.03
CA THR B 46 -13.30 -25.69 10.47
C THR B 46 -14.16 -26.12 9.29
N ASP B 47 -15.48 -25.99 9.44
CA ASP B 47 -16.39 -26.41 8.38
C ASP B 47 -16.21 -25.56 7.12
N SER B 48 -16.06 -24.24 7.29
CA SER B 48 -15.91 -23.39 6.12
C SER B 48 -14.56 -23.61 5.44
N PHE B 49 -13.50 -23.81 6.22
CA PHE B 49 -12.17 -23.92 5.64
C PHE B 49 -11.93 -25.30 5.01
N GLY B 50 -12.61 -26.33 5.50
CA GLY B 50 -12.40 -27.63 4.89
C GLY B 50 -10.97 -28.09 5.04
N GLU B 51 -10.41 -28.64 3.96
CA GLU B 51 -9.08 -29.21 3.98
C GLU B 51 -7.99 -28.17 3.72
N GLN B 52 -8.35 -26.89 3.68
CA GLN B 52 -7.38 -25.82 3.52
C GLN B 52 -7.22 -24.97 4.77
N GLY B 53 -7.76 -25.41 5.89
CA GLY B 53 -7.62 -24.66 7.11
C GLY B 53 -8.13 -25.43 8.31
N ALA B 54 -8.21 -24.73 9.44
CA ALA B 54 -8.67 -25.32 10.69
C ALA B 54 -9.14 -24.19 11.60
N GLY B 55 -10.14 -24.49 12.41
CA GLY B 55 -10.65 -23.56 13.41
C GLY B 55 -10.24 -23.96 14.80
N LEU B 56 -9.81 -22.98 15.60
CA LEU B 56 -9.44 -23.21 16.99
C LEU B 56 -10.05 -22.14 17.88
N ALA B 57 -10.41 -22.52 19.11
CA ALA B 57 -10.96 -21.61 20.12
C ALA B 57 -9.79 -20.85 20.74
N LEU B 58 -9.90 -19.55 20.94
CA LEU B 58 -8.81 -18.79 21.56
C LEU B 58 -9.37 -17.50 22.12
N ASP B 59 -9.13 -17.24 23.39
CA ASP B 59 -9.40 -15.94 23.97
C ASP B 59 -7.99 -15.33 23.94
N VAL B 60 -7.77 -14.23 23.23
CA VAL B 60 -6.43 -13.64 23.11
C VAL B 60 -6.04 -12.84 24.35
N ARG B 61 -6.94 -12.72 25.32
CA ARG B 61 -6.59 -12.12 26.60
C ARG B 61 -5.79 -13.05 27.50
N ASN B 62 -5.71 -14.32 27.17
CA ASN B 62 -5.13 -15.33 28.03
C ASN B 62 -3.85 -15.86 27.42
N LEU B 63 -2.72 -15.60 28.08
CA LEU B 63 -1.41 -16.02 27.57
C LEU B 63 -1.32 -17.53 27.42
N ASP B 64 -1.89 -18.26 28.38
CA ASP B 64 -1.80 -19.71 28.31
C ASP B 64 -2.48 -20.26 27.07
N GLU B 65 -3.64 -19.70 26.72
CA GLU B 65 -4.35 -20.14 25.52
C GLU B 65 -3.56 -19.77 24.27
N ILE B 66 -2.97 -18.58 24.23
CA ILE B 66 -2.13 -18.20 23.10
C ILE B 66 -1.02 -19.21 22.89
N GLU B 67 -0.31 -19.56 23.97
CA GLU B 67 0.81 -20.48 23.83
C GLU B 67 0.34 -21.87 23.45
N ALA B 68 -0.79 -22.32 24.01
CA ALA B 68 -1.31 -23.63 23.65
C ALA B 68 -1.73 -23.69 22.19
N VAL B 69 -2.39 -22.63 21.70
CA VAL B 69 -2.86 -22.61 20.33
C VAL B 69 -1.68 -22.61 19.36
N VAL B 70 -0.67 -21.75 19.60
CA VAL B 70 0.45 -21.73 18.68
C VAL B 70 1.22 -23.04 18.72
N SER B 71 1.38 -23.62 19.92
CA SER B 71 2.04 -24.91 20.01
C SER B 71 1.27 -25.98 19.25
N HIS B 72 -0.05 -25.98 19.37
CA HIS B 72 -0.87 -26.95 18.65
C HIS B 72 -0.69 -26.81 17.15
N ILE B 73 -0.70 -25.57 16.65
CA ILE B 73 -0.50 -25.35 15.22
C ILE B 73 0.87 -25.89 14.81
N GLU B 74 1.90 -25.59 15.60
CA GLU B 74 3.23 -26.05 15.25
C GLU B 74 3.31 -27.57 15.22
N GLN B 75 2.59 -28.23 16.12
CA GLN B 75 2.66 -29.68 16.20
C GLN B 75 1.81 -30.37 15.13
N ASN B 76 0.78 -29.70 14.61
CA ASN B 76 -0.15 -30.36 13.69
C ASN B 76 -0.08 -29.85 12.26
N TYR B 77 0.27 -28.59 12.05
CA TYR B 77 0.19 -28.00 10.72
C TYR B 77 1.49 -27.41 10.23
N GLY B 78 2.27 -26.78 11.11
CA GLY B 78 3.53 -26.19 10.70
C GLY B 78 3.76 -24.86 11.39
N PRO B 79 4.92 -24.25 11.15
CA PRO B 79 5.21 -22.96 11.80
C PRO B 79 4.29 -21.87 11.29
N VAL B 80 3.90 -20.96 12.19
CA VAL B 80 3.08 -19.82 11.82
C VAL B 80 3.98 -18.82 11.11
N LEU B 81 3.81 -18.70 9.79
CA LEU B 81 4.63 -17.77 9.03
C LEU B 81 3.89 -16.52 8.58
N VAL B 82 2.56 -16.51 8.70
CA VAL B 82 1.74 -15.31 8.52
C VAL B 82 0.84 -15.19 9.74
N LEU B 83 0.95 -14.09 10.46
CA LEU B 83 0.11 -13.81 11.62
C LEU B 83 -0.71 -12.57 11.34
N VAL B 84 -2.03 -12.70 11.40
CA VAL B 84 -2.93 -11.56 11.21
C VAL B 84 -3.69 -11.35 12.52
N ASN B 85 -3.37 -10.26 13.21
CA ASN B 85 -4.02 -9.91 14.47
C ASN B 85 -5.25 -9.07 14.14
N ASN B 86 -6.42 -9.73 14.14
CA ASN B 86 -7.68 -9.10 13.77
C ASN B 86 -8.73 -9.08 14.87
N ALA B 87 -8.71 -10.06 15.77
CA ALA B 87 -9.65 -10.10 16.87
C ALA B 87 -9.76 -8.76 17.59
N GLY B 88 -10.97 -8.37 17.94
CA GLY B 88 -11.13 -7.15 18.70
C GLY B 88 -12.57 -6.92 19.12
N ILE B 89 -12.73 -5.91 19.98
CA ILE B 89 -14.03 -5.39 20.37
C ILE B 89 -13.87 -3.89 20.61
N THR B 90 -14.99 -3.21 20.83
CA THR B 90 -14.98 -1.84 21.32
C THR B 90 -15.73 -1.77 22.64
N LYS B 91 -15.33 -0.83 23.50
CA LYS B 91 -16.04 -0.46 24.73
C LYS B 91 -15.96 1.06 24.80
N ASP B 92 -16.78 1.72 23.98
CA ASP B 92 -16.73 3.17 23.83
C ASP B 92 -17.33 3.89 25.02
N ASN B 93 -16.80 5.07 25.30
CA ASN B 93 -17.33 5.95 26.34
C ASN B 93 -16.51 7.24 26.33
N LEU B 94 -17.14 8.39 26.56
CA LEU B 94 -16.38 9.58 26.86
C LEU B 94 -15.49 9.32 28.08
N LEU B 95 -14.32 9.96 28.12
CA LEU B 95 -13.34 9.62 29.15
C LEU B 95 -13.95 9.70 30.55
N LEU B 96 -14.83 10.67 30.80
CA LEU B 96 -15.40 10.81 32.13
C LEU B 96 -16.27 9.61 32.51
N ARG B 97 -16.73 8.84 31.54
CA ARG B 97 -17.51 7.64 31.81
C ARG B 97 -16.77 6.37 31.43
N MET B 98 -15.48 6.44 31.12
CA MET B 98 -14.72 5.26 30.70
C MET B 98 -14.09 4.61 31.91
N SER B 99 -14.54 3.41 32.24
CA SER B 99 -14.09 2.73 33.45
C SER B 99 -12.72 2.09 33.25
N GLU B 100 -12.10 1.70 34.37
CA GLU B 100 -10.84 0.96 34.30
C GLU B 100 -10.99 -0.30 33.48
N ASP B 101 -12.12 -1.01 33.65
CA ASP B 101 -12.35 -2.23 32.88
C ASP B 101 -12.52 -1.92 31.40
N ASP B 102 -13.27 -0.87 31.05
CA ASP B 102 -13.40 -0.47 29.64
C ASP B 102 -12.03 -0.23 29.01
N TRP B 103 -11.14 0.45 29.74
CA TRP B 103 -9.80 0.71 29.22
C TRP B 103 -9.00 -0.58 29.09
N ASP B 104 -8.90 -1.32 30.19
CA ASP B 104 -8.01 -2.46 30.25
C ASP B 104 -8.42 -3.53 29.26
N ASP B 105 -9.72 -3.82 29.14
CA ASP B 105 -10.13 -4.90 28.26
C ASP B 105 -9.75 -4.61 26.81
N ILE B 106 -9.94 -3.37 26.37
CA ILE B 106 -9.62 -3.00 25.00
C ILE B 106 -8.11 -3.05 24.78
N LEU B 107 -7.34 -2.49 25.72
CA LEU B 107 -5.88 -2.54 25.58
C LEU B 107 -5.39 -3.99 25.53
N ASN B 108 -5.97 -4.87 26.36
CA ASN B 108 -5.54 -6.27 26.39
C ASN B 108 -5.91 -7.01 25.11
N ILE B 109 -7.14 -6.85 24.64
CA ILE B 109 -7.60 -7.61 23.47
C ILE B 109 -6.86 -7.17 22.22
N HIS B 110 -6.55 -5.89 22.11
CA HIS B 110 -5.89 -5.38 20.90
C HIS B 110 -4.36 -5.39 21.04
N LEU B 111 -3.82 -4.52 21.89
CA LEU B 111 -2.39 -4.28 21.92
C LEU B 111 -1.63 -5.42 22.61
N LYS B 112 -2.08 -5.81 23.81
CA LYS B 112 -1.37 -6.88 24.50
C LYS B 112 -1.38 -8.15 23.66
N ALA B 113 -2.51 -8.45 23.02
CA ALA B 113 -2.60 -9.62 22.16
C ALA B 113 -1.58 -9.54 21.04
N VAL B 114 -1.43 -8.36 20.43
CA VAL B 114 -0.44 -8.22 19.37
C VAL B 114 0.96 -8.50 19.90
N TYR B 115 1.28 -7.93 21.08
CA TYR B 115 2.59 -8.19 21.67
C TYR B 115 2.80 -9.70 21.90
N ARG B 116 1.83 -10.35 22.53
CA ARG B 116 2.00 -11.74 22.92
C ARG B 116 2.11 -12.67 21.70
N LEU B 117 1.20 -12.54 20.75
CA LEU B 117 1.23 -13.41 19.58
C LEU B 117 2.46 -13.17 18.71
N SER B 118 2.83 -11.89 18.48
CA SER B 118 4.02 -11.63 17.70
C SER B 118 5.24 -12.27 18.34
N LYS B 119 5.41 -12.04 19.64
CA LYS B 119 6.53 -12.64 20.36
C LYS B 119 6.55 -14.15 20.17
N ARG B 120 5.37 -14.77 20.25
CA ARG B 120 5.32 -16.23 20.23
C ARG B 120 5.63 -16.80 18.86
N VAL B 121 5.42 -16.03 17.78
CA VAL B 121 5.71 -16.57 16.44
C VAL B 121 7.11 -16.21 15.93
N LEU B 122 7.82 -15.35 16.64
CA LEU B 122 9.14 -14.91 16.16
C LEU B 122 10.08 -16.09 15.86
N LYS B 123 10.09 -17.13 16.70
CA LYS B 123 11.11 -18.16 16.55
C LYS B 123 10.97 -18.89 15.22
N GLY B 124 9.75 -19.29 14.88
CA GLY B 124 9.51 -19.95 13.61
C GLY B 124 9.82 -19.07 12.42
N MET B 125 9.39 -17.80 12.50
CA MET B 125 9.69 -16.90 11.38
C MET B 125 11.19 -16.68 11.22
N THR B 126 11.90 -16.54 12.34
CA THR B 126 13.35 -16.37 12.30
C THR B 126 14.01 -17.57 11.65
N LYS B 127 13.58 -18.77 12.04
CA LYS B 127 14.14 -20.00 11.45
C LYS B 127 13.92 -20.02 9.94
N ALA B 128 12.73 -19.63 9.49
CA ALA B 128 12.44 -19.66 8.06
C ALA B 128 13.03 -18.50 7.28
N ARG B 129 13.55 -17.47 7.95
CA ARG B 129 13.94 -16.24 7.27
C ARG B 129 12.81 -15.78 6.36
N PHE B 130 11.58 -15.92 6.85
CA PHE B 130 10.40 -15.43 6.16
C PHE B 130 9.33 -15.19 7.20
N GLY B 131 8.60 -14.09 7.06
CA GLY B 131 7.49 -13.85 7.95
C GLY B 131 6.65 -12.66 7.54
N ARG B 132 5.37 -12.74 7.84
CA ARG B 132 4.44 -11.63 7.67
C ARG B 132 3.65 -11.49 8.97
N ILE B 133 3.81 -10.36 9.65
CA ILE B 133 2.93 -9.98 10.75
C ILE B 133 2.10 -8.81 10.24
N ILE B 134 0.79 -8.97 10.23
CA ILE B 134 -0.13 -7.96 9.67
C ILE B 134 -1.17 -7.67 10.74
N ASN B 135 -1.16 -6.45 11.25
CA ASN B 135 -1.98 -6.05 12.39
C ASN B 135 -3.10 -5.16 11.89
N ILE B 136 -4.32 -5.48 12.27
CA ILE B 136 -5.46 -4.67 11.88
C ILE B 136 -5.55 -3.48 12.82
N SER B 137 -5.41 -2.28 12.28
CA SER B 137 -5.47 -1.05 13.03
C SER B 137 -6.82 -0.40 12.76
N SER B 138 -6.84 0.93 12.66
CA SER B 138 -8.07 1.65 12.37
C SER B 138 -7.75 3.08 12.01
N VAL B 139 -8.62 3.68 11.21
CA VAL B 139 -8.51 5.10 10.89
C VAL B 139 -8.54 5.94 12.17
N VAL B 140 -9.21 5.45 13.22
CA VAL B 140 -9.33 6.29 14.41
C VAL B 140 -8.03 6.37 15.20
N ALA B 141 -7.03 5.56 14.87
CA ALA B 141 -5.69 5.76 15.39
C ALA B 141 -5.05 7.01 14.81
N HIS B 142 -5.65 7.60 13.78
CA HIS B 142 -5.13 8.78 13.11
C HIS B 142 -6.10 9.96 13.18
N PHE B 143 -7.36 9.73 12.84
CA PHE B 143 -8.43 10.72 12.89
C PHE B 143 -9.26 10.37 14.12
N ALA B 144 -9.05 11.12 15.21
CA ALA B 144 -9.62 10.78 16.50
C ALA B 144 -11.14 10.89 16.50
N ASN B 145 -11.76 10.01 17.27
CA ASN B 145 -13.21 9.94 17.39
C ASN B 145 -13.56 10.08 18.86
N PRO B 146 -14.41 11.03 19.26
CA PRO B 146 -14.80 11.11 20.69
C PRO B 146 -15.41 9.80 21.16
N GLY B 147 -15.09 9.43 22.39
CA GLY B 147 -15.62 8.23 22.98
C GLY B 147 -14.79 6.98 22.74
N GLN B 148 -13.72 7.06 21.96
CA GLN B 148 -12.93 5.88 21.64
C GLN B 148 -11.46 6.06 22.02
N ALA B 149 -11.21 6.72 23.15
CA ALA B 149 -9.82 6.97 23.55
C ALA B 149 -9.07 5.66 23.76
N ASN B 150 -9.74 4.64 24.31
CA ASN B 150 -9.07 3.37 24.58
C ASN B 150 -8.72 2.66 23.27
N TYR B 151 -9.70 2.55 22.38
CA TYR B 151 -9.51 1.89 21.09
C TYR B 151 -8.45 2.60 20.27
N SER B 152 -8.51 3.93 20.24
CA SER B 152 -7.56 4.73 19.49
C SER B 152 -6.15 4.53 20.04
N ALA B 153 -6.01 4.59 21.37
CA ALA B 153 -4.70 4.40 21.98
C ALA B 153 -4.14 3.03 21.66
N ALA B 154 -4.97 1.99 21.76
CA ALA B 154 -4.52 0.64 21.49
C ALA B 154 -4.06 0.49 20.05
N LYS B 155 -4.85 0.99 19.09
CA LYS B 155 -4.47 0.81 17.68
C LYS B 155 -3.23 1.60 17.33
N ALA B 156 -3.11 2.84 17.82
CA ALA B 156 -1.89 3.60 17.60
C ALA B 156 -0.69 2.91 18.22
N GLY B 157 -0.87 2.35 19.42
CA GLY B 157 0.20 1.60 20.04
C GLY B 157 0.61 0.42 19.19
N ILE B 158 -0.36 -0.27 18.59
CA ILE B 158 -0.07 -1.39 17.70
C ILE B 158 0.79 -0.92 16.54
N GLU B 159 0.47 0.24 15.99
CA GLU B 159 1.23 0.71 14.83
C GLU B 159 2.69 1.00 15.21
N ALA B 160 2.90 1.64 16.38
CA ALA B 160 4.26 1.92 16.85
C ALA B 160 5.01 0.63 17.20
N PHE B 161 4.33 -0.30 17.86
CA PHE B 161 4.89 -1.63 18.11
C PHE B 161 5.37 -2.24 16.80
N SER B 162 4.55 -2.13 15.76
CA SER B 162 4.89 -2.75 14.48
C SER B 162 6.14 -2.13 13.90
N ARG B 163 6.28 -0.80 14.00
CA ARG B 163 7.51 -0.17 13.52
C ARG B 163 8.74 -0.68 14.27
N SER B 164 8.65 -0.73 15.60
CA SER B 164 9.79 -1.24 16.38
C SER B 164 10.14 -2.67 15.97
N LEU B 165 9.13 -3.54 15.87
CA LEU B 165 9.39 -4.94 15.56
C LEU B 165 9.90 -5.10 14.14
N ALA B 166 9.39 -4.29 13.21
CA ALA B 166 9.91 -4.31 11.85
C ALA B 166 11.40 -4.04 11.84
N LYS B 167 11.85 -3.06 12.63
CA LYS B 167 13.28 -2.81 12.70
C LYS B 167 14.02 -4.00 13.30
N GLU B 168 13.43 -4.63 14.32
CA GLU B 168 14.14 -5.75 14.96
C GLU B 168 14.27 -6.96 14.04
N MET B 169 13.25 -7.22 13.22
CA MET B 169 13.19 -8.47 12.49
C MET B 169 13.50 -8.35 11.01
N GLY B 170 13.74 -7.13 10.49
CA GLY B 170 13.88 -6.95 9.05
C GLY B 170 15.02 -7.74 8.44
N SER B 171 16.14 -7.86 9.15
CA SER B 171 17.28 -8.55 8.55
C SER B 171 16.93 -9.99 8.23
N ARG B 172 16.00 -10.58 8.96
CA ARG B 172 15.54 -11.93 8.73
C ARG B 172 14.43 -12.00 7.69
N GLN B 173 14.16 -10.90 7.00
CA GLN B 173 13.16 -10.85 5.92
C GLN B 173 11.75 -11.10 6.45
N ILE B 174 11.49 -10.67 7.68
CA ILE B 174 10.16 -10.68 8.27
C ILE B 174 9.62 -9.26 8.16
N THR B 175 8.47 -9.09 7.53
CA THR B 175 7.85 -7.77 7.49
C THR B 175 6.74 -7.68 8.54
N VAL B 176 6.56 -6.48 9.06
CA VAL B 176 5.58 -6.19 10.08
C VAL B 176 4.87 -4.92 9.64
N ASN B 177 3.57 -5.02 9.38
CA ASN B 177 2.80 -3.90 8.85
C ASN B 177 1.43 -3.84 9.51
N SER B 178 0.77 -2.69 9.38
CA SER B 178 -0.61 -2.52 9.84
C SER B 178 -1.50 -2.16 8.66
N VAL B 179 -2.76 -2.61 8.74
CA VAL B 179 -3.79 -2.22 7.80
C VAL B 179 -4.84 -1.46 8.60
N ALA B 180 -5.15 -0.23 8.16
CA ALA B 180 -6.08 0.64 8.89
C ALA B 180 -7.38 0.79 8.09
N PRO B 181 -8.42 0.06 8.46
CA PRO B 181 -9.70 0.22 7.74
C PRO B 181 -10.38 1.52 8.13
N GLY B 182 -11.19 2.03 7.21
CA GLY B 182 -12.04 3.16 7.50
C GLY B 182 -13.43 2.70 7.88
N PHE B 183 -14.46 3.28 7.27
CA PHE B 183 -15.84 2.85 7.48
C PHE B 183 -16.10 1.65 6.59
N ILE B 184 -16.24 0.47 7.20
CA ILE B 184 -16.47 -0.77 6.48
C ILE B 184 -17.88 -1.26 6.82
N ALA B 185 -18.60 -1.70 5.81
CA ALA B 185 -19.99 -2.12 5.99
C ALA B 185 -20.08 -3.35 6.88
N THR B 186 -20.88 -3.25 7.94
CA THR B 186 -21.17 -4.34 8.86
C THR B 186 -22.68 -4.45 9.04
N GLU B 187 -23.39 -3.41 9.48
CA GLU B 187 -24.87 -3.35 9.60
C GLU B 187 -25.29 -1.88 9.51
N SER B 193 -30.30 3.44 10.85
CA SER B 193 -28.95 3.14 10.31
C SER B 193 -28.99 3.22 8.78
N GLU B 194 -29.72 4.20 8.23
CA GLU B 194 -29.79 4.48 6.77
C GLU B 194 -29.37 5.93 6.52
N ASP B 195 -30.06 6.92 7.10
CA ASP B 195 -29.73 8.36 6.97
C ASP B 195 -28.38 8.62 7.65
N ILE B 196 -28.06 7.82 8.67
CA ILE B 196 -26.79 7.87 9.44
C ILE B 196 -25.70 7.26 8.56
N ARG B 197 -26.04 6.22 7.80
CA ARG B 197 -25.10 5.56 6.85
C ARG B 197 -24.65 6.59 5.84
N LYS B 198 -25.59 7.41 5.43
CA LYS B 198 -25.29 8.43 4.45
C LYS B 198 -24.35 9.47 5.03
N LYS B 199 -24.53 9.82 6.30
CA LYS B 199 -23.57 10.69 6.97
C LYS B 199 -22.16 10.10 6.90
N MET B 200 -22.03 8.82 7.19
CA MET B 200 -20.70 8.21 7.14
C MET B 200 -20.13 8.25 5.72
N SER B 201 -20.92 7.84 4.73
CA SER B 201 -20.43 7.82 3.35
C SER B 201 -20.12 9.22 2.85
N ASP B 202 -20.79 10.24 3.39
CA ASP B 202 -20.53 11.62 2.97
C ASP B 202 -19.12 12.07 3.33
N GLN B 203 -18.54 11.47 4.36
CA GLN B 203 -17.19 11.82 4.76
C GLN B 203 -16.13 11.13 3.92
N VAL B 204 -16.52 10.18 3.07
CA VAL B 204 -15.59 9.34 2.32
C VAL B 204 -15.49 9.90 0.91
N ALA B 205 -14.26 10.14 0.44
CA ALA B 205 -14.09 10.69 -0.90
C ALA B 205 -14.77 9.81 -1.95
N LEU B 206 -14.65 8.49 -1.82
CA LEU B 206 -15.29 7.58 -2.76
C LEU B 206 -16.79 7.45 -2.51
N ASN B 207 -17.32 8.10 -1.48
CA ASN B 207 -18.77 8.28 -1.31
C ASN B 207 -19.49 6.96 -1.09
N ARG B 208 -18.84 6.04 -0.38
CA ARG B 208 -19.46 4.77 -0.05
C ARG B 208 -18.69 4.13 1.09
N LEU B 209 -19.37 3.26 1.82
CA LEU B 209 -18.71 2.43 2.80
C LEU B 209 -17.91 1.33 2.11
N GLY B 210 -16.81 0.92 2.74
CA GLY B 210 -16.04 -0.19 2.22
C GLY B 210 -16.67 -1.53 2.53
N GLU B 211 -16.02 -2.57 2.04
CA GLU B 211 -16.45 -3.94 2.29
C GLU B 211 -15.33 -4.75 2.92
N PRO B 212 -15.65 -5.79 3.71
CA PRO B 212 -14.59 -6.64 4.27
C PRO B 212 -13.57 -7.10 3.23
N GLN B 213 -14.01 -7.38 2.01
CA GLN B 213 -13.10 -7.86 1.00
C GLN B 213 -12.02 -6.83 0.65
N ASP B 214 -12.32 -5.53 0.78
CA ASP B 214 -11.28 -4.52 0.55
C ASP B 214 -10.13 -4.68 1.53
N ILE B 215 -10.45 -4.96 2.80
CA ILE B 215 -9.43 -5.18 3.81
C ILE B 215 -8.72 -6.49 3.55
N ALA B 216 -9.47 -7.53 3.18
CA ALA B 216 -8.85 -8.81 2.81
C ALA B 216 -7.87 -8.62 1.67
N ASN B 217 -8.21 -7.78 0.69
CA ASN B 217 -7.32 -7.55 -0.45
C ASN B 217 -6.03 -6.87 -0.01
N ALA B 218 -6.14 -5.90 0.89
CA ALA B 218 -4.94 -5.24 1.42
C ALA B 218 -4.05 -6.22 2.18
N VAL B 219 -4.66 -7.05 3.04
CA VAL B 219 -3.88 -8.03 3.79
C VAL B 219 -3.24 -9.03 2.84
N SER B 220 -3.99 -9.49 1.83
CA SER B 220 -3.47 -10.44 0.86
C SER B 220 -2.26 -9.87 0.14
N PHE B 221 -2.36 -8.60 -0.26
CA PHE B 221 -1.20 -7.93 -0.86
C PHE B 221 -0.01 -7.97 0.07
N LEU B 222 -0.19 -7.51 1.32
CA LEU B 222 0.95 -7.43 2.23
C LEU B 222 1.53 -8.81 2.54
N ALA B 223 0.69 -9.85 2.56
CA ALA B 223 1.15 -11.19 2.88
C ALA B 223 1.88 -11.86 1.73
N SER B 224 1.85 -11.28 0.53
CA SER B 224 2.37 -11.91 -0.67
C SER B 224 3.78 -11.44 -0.97
N ASP B 225 4.40 -12.07 -1.98
CA ASP B 225 5.71 -11.64 -2.47
C ASP B 225 5.66 -10.27 -3.15
N LYS B 226 4.46 -9.81 -3.52
CA LYS B 226 4.34 -8.51 -4.16
C LYS B 226 4.61 -7.35 -3.20
N ALA B 227 4.77 -7.63 -1.90
CA ALA B 227 5.00 -6.61 -0.87
C ALA B 227 6.23 -6.95 -0.03
N GLY B 228 7.18 -7.68 -0.61
CA GLY B 228 8.36 -8.11 0.14
C GLY B 228 9.31 -7.01 0.54
N TYR B 229 9.15 -5.82 -0.01
CA TYR B 229 9.98 -4.67 0.34
C TYR B 229 9.19 -3.61 1.08
N ILE B 230 8.05 -3.99 1.66
CA ILE B 230 7.20 -3.11 2.44
C ILE B 230 7.20 -3.59 3.88
N THR B 231 7.69 -2.76 4.79
CA THR B 231 7.67 -3.13 6.19
C THR B 231 7.59 -1.87 7.04
N GLY B 232 6.95 -2.01 8.20
CA GLY B 232 6.78 -0.90 9.11
C GLY B 232 5.81 0.16 8.67
N THR B 233 4.89 -0.14 7.77
CA THR B 233 3.99 0.87 7.25
C THR B 233 2.57 0.67 7.76
N VAL B 234 1.76 1.70 7.57
CA VAL B 234 0.30 1.60 7.71
C VAL B 234 -0.31 1.72 6.31
N LEU B 235 -1.07 0.72 5.91
CA LEU B 235 -1.80 0.72 4.64
C LEU B 235 -3.22 1.15 4.96
N HIS B 236 -3.56 2.38 4.60
CA HIS B 236 -4.88 2.92 4.86
C HIS B 236 -5.86 2.44 3.79
N VAL B 237 -6.97 1.86 4.22
CA VAL B 237 -8.02 1.41 3.29
C VAL B 237 -9.33 2.04 3.75
N ASN B 238 -9.54 3.30 3.38
CA ASN B 238 -10.68 4.06 3.92
C ASN B 238 -11.37 4.92 2.88
N GLY B 239 -11.10 4.71 1.60
CA GLY B 239 -11.82 5.43 0.57
C GLY B 239 -11.62 6.92 0.57
N GLY B 240 -10.53 7.39 1.16
CA GLY B 240 -10.27 8.81 1.23
C GLY B 240 -10.90 9.49 2.41
N LEU B 241 -11.51 8.72 3.31
CA LEU B 241 -11.99 9.30 4.57
C LEU B 241 -10.88 10.03 5.32
N TYR B 242 -9.67 9.47 5.31
CA TYR B 242 -8.50 10.05 5.93
C TYR B 242 -7.32 9.84 5.00
N MET B 243 -6.59 10.91 4.71
CA MET B 243 -5.48 10.84 3.76
C MET B 243 -4.20 11.21 4.49
N ALA B 244 -3.23 10.31 4.49
CA ALA B 244 -1.98 10.56 5.22
C ALA B 244 -0.97 11.23 4.31
PA NDP C . 15.39 7.14 -14.57
O1A NDP C . 16.00 5.78 -14.54
O2A NDP C . 16.08 8.34 -14.00
O5B NDP C . 14.93 7.46 -16.12
C5B NDP C . 14.13 8.55 -15.94
C4B NDP C . 13.08 8.54 -17.04
O4B NDP C . 12.46 9.86 -16.99
C3B NDP C . 13.65 8.25 -18.41
O3B NDP C . 12.68 7.52 -19.12
C2B NDP C . 13.72 9.62 -19.05
O2B NDP C . 13.52 9.62 -20.36
C1B NDP C . 12.45 10.28 -18.29
N9A NDP C . 12.58 11.76 -18.36
C8A NDP C . 13.60 12.59 -17.84
N7A NDP C . 13.40 13.90 -18.07
C5A NDP C . 12.19 13.90 -18.78
C6A NDP C . 11.41 14.92 -19.35
N6A NDP C . 11.78 16.25 -19.25
N1A NDP C . 10.25 14.63 -20.00
C2A NDP C . 9.91 13.35 -20.10
N3A NDP C . 10.52 12.26 -19.63
C4A NDP C . 11.69 12.58 -18.97
O3 NDP C . 14.02 6.88 -13.67
PN NDP C . 14.43 6.56 -12.16
O1N NDP C . 14.07 5.14 -11.91
O2N NDP C . 15.71 7.22 -11.73
O5D NDP C . 13.26 7.39 -11.15
C5D NDP C . 11.99 6.82 -11.33
C4D NDP C . 10.96 7.77 -10.72
O4D NDP C . 10.91 7.33 -9.32
C3D NDP C . 11.38 9.22 -10.69
O3D NDP C . 10.15 9.98 -10.60
C2D NDP C . 12.17 9.39 -9.43
O2D NDP C . 12.01 10.65 -8.86
C1D NDP C . 11.45 8.38 -8.49
N1N NDP C . 12.39 7.78 -7.51
C2N NDP C . 13.50 7.09 -7.96
C3N NDP C . 14.33 6.45 -7.07
C7N NDP C . 15.47 5.73 -7.60
O7N NDP C . 16.24 5.05 -6.92
N7N NDP C . 15.74 5.81 -8.90
C4N NDP C . 14.09 6.49 -5.60
C5N NDP C . 12.93 7.32 -5.22
C6N NDP C . 12.14 7.92 -6.13
P2B NDP C . 14.95 9.14 -21.29
O1X NDP C . 15.99 9.92 -20.56
O2X NDP C . 14.65 9.60 -22.72
O3X NDP C . 14.91 7.67 -21.04
H51A NDP C . 13.71 8.52 -15.06
H52A NDP C . 14.66 9.36 -15.97
H4B NDP C . 12.43 7.84 -16.86
H3B NDP C . 14.54 7.86 -18.37
HO3A NDP C . 12.54 6.82 -18.66
H2B NDP C . 14.54 10.06 -18.77
H1B NDP C . 11.60 10.02 -18.67
H8A NDP C . 14.33 12.23 -17.37
H61A NDP C . 12.56 16.45 -18.94
H62A NDP C . 11.22 16.85 -19.50
H2A NDP C . 9.13 13.19 -20.58
H51N NDP C . 11.77 6.68 -12.27
H52N NDP C . 11.91 5.96 -10.92
H4D NDP C . 10.13 7.75 -11.22
H3D NDP C . 11.94 9.42 -11.45
HO3N NDP C . 10.20 10.56 -11.22
H2D NDP C . 13.11 9.18 -9.55
HO2N NDP C . 11.81 11.16 -9.50
H1D NDP C . 10.72 8.81 -8.03
H2N NDP C . 13.67 7.05 -8.87
H71N NDP C . 15.23 6.27 -9.41
H72N NDP C . 16.41 5.38 -9.23
H41N NDP C . 13.95 5.60 -5.24
H42N NDP C . 14.88 6.84 -5.14
H5N NDP C . 12.74 7.44 -4.32
H6N NDP C . 11.42 8.44 -5.88
PA NDP D . -14.47 -7.47 16.03
O1A NDP D . -13.59 -6.41 16.60
O2A NDP D . -15.93 -7.51 16.30
O5B NDP D . -13.85 -8.87 16.40
C5B NDP D . -14.80 -9.94 16.30
C4B NDP D . -14.03 -11.22 16.18
O4B NDP D . -13.00 -11.23 17.20
C3B NDP D . -14.83 -12.51 16.37
O3B NDP D . -14.26 -13.56 15.60
C2B NDP D . -14.71 -12.73 17.86
O2B NDP D . -14.89 -14.08 18.26
C1B NDP D . -13.26 -12.28 18.07
N9A NDP D . -12.99 -11.85 19.42
C8A NDP D . -13.62 -10.94 20.22
N7A NDP D . -13.09 -10.87 21.42
C5A NDP D . -12.08 -11.81 21.40
C6A NDP D . -11.15 -12.25 22.36
N6A NDP D . -11.10 -11.80 23.62
N1A NDP D . -10.31 -13.23 21.99
C2A NDP D . -10.39 -13.70 20.75
N3A NDP D . -11.20 -13.37 19.77
C4A NDP D . -12.00 -12.39 20.16
O3 NDP D . -14.31 -7.51 14.45
PN NDP D . -14.72 -6.53 13.28
O1N NDP D . -14.92 -7.32 12.03
O2N NDP D . -15.72 -5.56 13.77
O5D NDP D . -13.36 -5.76 13.11
C5D NDP D . -12.25 -6.54 12.72
C4D NDP D . -11.01 -5.79 13.07
O4D NDP D . -10.97 -4.56 12.31
C3D NDP D . -10.91 -5.37 14.54
O3D NDP D . -9.58 -5.24 15.01
C2D NDP D . -11.68 -4.11 14.43
O2D NDP D . -11.38 -3.42 15.63
C1D NDP D . -11.08 -3.50 13.18
N1N NDP D . -11.90 -2.45 12.54
C2N NDP D . -13.22 -2.69 12.25
C3N NDP D . -13.95 -1.86 11.47
C7N NDP D . -15.30 -2.29 11.09
O7N NDP D . -16.04 -1.48 10.53
N7N NDP D . -15.70 -3.50 11.43
C4N NDP D . -13.38 -0.54 11.11
C5N NDP D . -12.07 -0.28 11.69
C6N NDP D . -11.34 -1.25 12.19
P2B NDP D . -16.41 -14.57 18.26
O1X NDP D . -17.16 -13.54 19.00
O2X NDP D . -16.36 -15.84 18.95
O3X NDP D . -16.85 -14.70 16.88
H51A NDP D . -15.37 -9.82 15.50
H52A NDP D . -15.37 -9.97 17.10
H4B NDP D . -13.59 -11.24 15.30
H3B NDP D . -15.77 -12.37 16.12
HO3A NDP D . -13.88 -13.22 14.91
H2B NDP D . -15.33 -12.14 18.35
H1B NDP D . -12.67 -13.04 17.86
H8A NDP D . -14.34 -10.40 19.94
H61A NDP D . -10.52 -12.15 24.17
H62A NDP D . -11.65 -11.17 23.87
H2A NDP D . -9.79 -14.38 20.54
H51N NDP D . -12.27 -7.41 13.20
H52N NDP D . -12.28 -6.71 11.75
H4D NDP D . -10.23 -6.34 12.83
H3D NDP D . -11.40 -6.02 15.10
HO3N NDP D . -9.28 -6.00 15.20
H2D NDP D . -12.65 -4.28 14.34
HO2N NDP D . -11.73 -3.83 16.28
H1D NDP D . -10.18 -3.13 13.38
H2N NDP D . -13.63 -3.46 12.60
H71N NDP D . -16.15 -3.99 10.85
H72N NDP D . -15.53 -3.82 12.23
H41N NDP D . -13.32 -0.46 10.13
H42N NDP D . -14.00 0.17 11.40
H5N NDP D . -11.72 0.62 11.70
H6N NDP D . -10.42 -1.13 12.31
#